data_6DBE
#
_entry.id   6DBE
#
_cell.length_a   58.615
_cell.length_b   58.615
_cell.length_c   100.527
_cell.angle_alpha   90.00
_cell.angle_beta   90.00
_cell.angle_gamma   120.00
#
_symmetry.space_group_name_H-M   'P 31 2 1'
#
loop_
_entity.id
_entity.type
_entity.pdbx_description
1 polymer 'nanobody VHH R303'
2 non-polymer '4-(2-HYDROXYETHYL)-1-PIPERAZINE ETHANESULFONIC ACID'
3 water water
#
_entity_poly.entity_id   1
_entity_poly.type   'polypeptide(L)'
_entity_poly.pdbx_seq_one_letter_code
;QVKLEESGGGLVQAGGSLRLSCAASGSTFSIYTMGWFRQAPGKEREFVADISWNGGSTYYADSVKGRFTIYRDNYKNTVY
LQMNSLKPEDTAVYYCNADDLMIDRDYWGQGTQVTVSSGSEQKLISEEDLNHHHHHH
;
_entity_poly.pdbx_strand_id   A,B
#
loop_
_chem_comp.id
_chem_comp.type
_chem_comp.name
_chem_comp.formula
EPE non-polymer '4-(2-HYDROXYETHYL)-1-PIPERAZINE ETHANESULFONIC ACID' 'C8 H18 N2 O4 S'
#
# COMPACT_ATOMS: atom_id res chain seq x y z
N VAL A 2 13.61 3.45 -15.60
CA VAL A 2 12.92 2.26 -15.09
C VAL A 2 11.75 1.88 -15.99
N LYS A 3 11.75 0.63 -16.42
CA LYS A 3 10.71 0.10 -17.29
C LYS A 3 10.18 -1.19 -16.68
N LEU A 4 8.87 -1.31 -16.62
CA LEU A 4 8.24 -2.55 -16.18
C LEU A 4 7.56 -3.20 -17.35
N GLU A 5 7.88 -4.48 -17.59
CA GLU A 5 7.32 -5.26 -18.69
C GLU A 5 6.58 -6.46 -18.14
N GLU A 6 5.25 -6.48 -18.33
CA GLU A 6 4.42 -7.55 -17.85
C GLU A 6 4.31 -8.66 -18.88
N SER A 7 4.24 -9.89 -18.39
CA SER A 7 4.11 -11.05 -19.24
C SER A 7 3.16 -12.03 -18.59
N GLY A 8 2.69 -12.96 -19.39
CA GLY A 8 1.66 -13.84 -18.93
C GLY A 8 0.31 -13.21 -19.15
N GLY A 9 -0.69 -13.95 -18.77
CA GLY A 9 -2.06 -13.54 -18.94
C GLY A 9 -2.75 -14.32 -20.05
N GLY A 10 -3.76 -13.68 -20.62
CA GLY A 10 -4.54 -14.29 -21.67
C GLY A 10 -5.79 -14.97 -21.15
N LEU A 11 -6.31 -15.87 -21.98
CA LEU A 11 -7.57 -16.54 -21.73
C LEU A 11 -7.33 -17.78 -20.89
N VAL A 12 -8.16 -17.97 -19.86
CA VAL A 12 -8.00 -19.09 -18.95
C VAL A 12 -9.39 -19.55 -18.53
N GLN A 13 -9.54 -20.85 -18.35
CA GLN A 13 -10.82 -21.38 -17.92
C GLN A 13 -11.04 -21.12 -16.44
N ALA A 14 -12.30 -20.89 -16.09
CA ALA A 14 -12.66 -20.74 -14.68
C ALA A 14 -12.16 -21.95 -13.91
N GLY A 15 -11.62 -21.70 -12.72
CA GLY A 15 -10.98 -22.72 -11.92
C GLY A 15 -9.51 -22.90 -12.19
N GLY A 16 -8.99 -22.32 -13.25
CA GLY A 16 -7.61 -22.48 -13.60
C GLY A 16 -6.70 -21.56 -12.82
N SER A 17 -5.41 -21.63 -13.17
CA SER A 17 -4.35 -20.86 -12.55
C SER A 17 -3.54 -20.18 -13.65
N LEU A 18 -2.97 -19.03 -13.30
CA LEU A 18 -2.12 -18.29 -14.21
C LEU A 18 -1.11 -17.59 -13.35
N ARG A 19 0.13 -17.47 -13.84
CA ARG A 19 1.13 -16.64 -13.18
C ARG A 19 1.48 -15.45 -14.07
N LEU A 20 1.36 -14.24 -13.52
CA LEU A 20 1.77 -13.02 -14.19
C LEU A 20 3.15 -12.63 -13.73
N SER A 21 3.95 -12.08 -14.64
CA SER A 21 5.28 -11.65 -14.30
C SER A 21 5.44 -10.19 -14.64
N CYS A 22 6.28 -9.52 -13.88
CA CYS A 22 6.57 -8.12 -14.11
C CYS A 22 8.08 -7.95 -13.98
N ALA A 23 8.75 -7.78 -15.11
CA ALA A 23 10.21 -7.68 -15.16
C ALA A 23 10.61 -6.22 -15.18
N ALA A 24 11.44 -5.85 -14.23
CA ALA A 24 11.95 -4.50 -14.18
C ALA A 24 13.29 -4.45 -14.91
N SER A 25 13.50 -3.38 -15.65
CA SER A 25 14.76 -3.20 -16.35
C SER A 25 15.11 -1.73 -16.35
N GLY A 26 16.35 -1.45 -16.71
CA GLY A 26 16.87 -0.10 -16.67
C GLY A 26 17.29 0.28 -15.27
N THR A 28 21.05 2.26 -12.83
CA THR A 28 20.72 2.82 -11.53
C THR A 28 20.30 1.71 -10.56
N PHE A 29 19.91 2.10 -9.34
CA PHE A 29 19.38 1.10 -8.42
C PHE A 29 18.80 1.74 -7.15
N SER A 30 17.55 2.16 -7.20
CA SER A 30 16.84 2.47 -5.96
C SER A 30 16.28 1.18 -5.42
N ILE A 31 15.26 1.25 -4.56
CA ILE A 31 14.48 0.07 -4.23
C ILE A 31 13.02 0.46 -4.15
N TYR A 32 12.16 -0.56 -4.15
CA TYR A 32 10.78 -0.37 -4.54
C TYR A 32 9.84 -1.21 -3.71
N THR A 33 8.66 -0.66 -3.45
CA THR A 33 7.50 -1.48 -3.14
C THR A 33 6.93 -1.88 -4.50
N MET A 34 6.80 -3.17 -4.76
CA MET A 34 6.19 -3.61 -6.01
CA MET A 34 6.19 -3.63 -6.01
C MET A 34 4.76 -4.11 -5.77
N GLY A 35 3.91 -3.90 -6.75
CA GLY A 35 2.53 -4.28 -6.52
C GLY A 35 1.80 -4.59 -7.80
N TRP A 36 0.63 -5.18 -7.61
CA TRP A 36 -0.30 -5.53 -8.66
C TRP A 36 -1.64 -4.87 -8.37
N PHE A 37 -2.18 -4.31 -9.43
CA PHE A 37 -3.48 -3.66 -9.49
C PHE A 37 -4.25 -4.23 -10.67
N ARG A 38 -5.56 -4.14 -10.63
CA ARG A 38 -6.30 -4.58 -11.80
C ARG A 38 -7.46 -3.62 -12.05
N GLN A 39 -7.89 -3.63 -13.29
CA GLN A 39 -8.84 -2.65 -13.81
C GLN A 39 -9.85 -3.38 -14.68
N ALA A 40 -11.09 -3.46 -14.20
CA ALA A 40 -12.20 -3.95 -14.99
C ALA A 40 -12.78 -2.80 -15.80
N PRO A 41 -13.37 -3.08 -16.97
CA PRO A 41 -13.93 -2.00 -17.79
C PRO A 41 -14.99 -1.21 -17.03
N GLY A 42 -14.82 0.12 -17.03
CA GLY A 42 -15.77 1.03 -16.43
C GLY A 42 -15.68 1.19 -14.92
N LYS A 43 -14.69 0.59 -14.27
CA LYS A 43 -14.61 0.46 -12.82
C LYS A 43 -13.33 1.11 -12.29
N GLU A 44 -13.29 1.30 -10.98
CA GLU A 44 -12.09 1.81 -10.33
C GLU A 44 -10.94 0.82 -10.50
N ARG A 45 -9.72 1.36 -10.58
CA ARG A 45 -8.53 0.53 -10.39
C ARG A 45 -8.59 -0.09 -9.00
N GLU A 46 -8.24 -1.36 -8.91
CA GLU A 46 -8.42 -2.15 -7.69
C GLU A 46 -7.05 -2.65 -7.27
N PHE A 47 -6.67 -2.37 -6.02
CA PHE A 47 -5.48 -3.01 -5.47
C PHE A 47 -5.68 -4.52 -5.42
N VAL A 48 -4.61 -5.26 -5.74
CA VAL A 48 -4.60 -6.71 -5.65
C VAL A 48 -3.63 -7.19 -4.58
N ALA A 49 -2.35 -6.83 -4.70
CA ALA A 49 -1.34 -7.29 -3.76
C ALA A 49 -0.10 -6.41 -3.87
N ASP A 50 0.68 -6.34 -2.79
CA ASP A 50 1.99 -5.73 -2.91
C ASP A 50 2.95 -6.41 -1.97
N ILE A 51 4.25 -6.08 -2.13
CA ILE A 51 5.34 -6.72 -1.42
C ILE A 51 6.40 -5.65 -1.15
N SER A 52 6.93 -5.66 0.07
CA SER A 52 7.91 -4.66 0.54
C SER A 52 9.27 -4.87 -0.14
N TRP A 53 10.15 -3.87 0.03
CA TRP A 53 11.41 -3.89 -0.71
C TRP A 53 12.26 -5.11 -0.37
N ASN A 54 12.22 -5.57 0.88
CA ASN A 54 13.01 -6.73 1.26
C ASN A 54 12.23 -8.02 1.27
N GLY A 55 11.00 -8.00 0.75
CA GLY A 55 10.19 -9.20 0.69
C GLY A 55 9.52 -9.60 2.00
N GLY A 56 9.74 -8.86 3.08
CA GLY A 56 9.32 -9.30 4.40
C GLY A 56 7.87 -9.06 4.71
N SER A 57 7.18 -8.27 3.90
CA SER A 57 5.79 -7.95 4.17
C SER A 57 5.02 -8.02 2.87
N THR A 58 3.88 -8.70 2.89
CA THR A 58 2.98 -8.72 1.76
C THR A 58 1.59 -8.38 2.22
N TYR A 59 0.82 -7.83 1.29
CA TYR A 59 -0.54 -7.37 1.54
C TYR A 59 -1.41 -7.80 0.37
N TYR A 60 -2.64 -8.24 0.67
CA TYR A 60 -3.56 -8.74 -0.34
C TYR A 60 -4.95 -8.15 -0.13
N ALA A 61 -5.59 -7.80 -1.22
CA ALA A 61 -7.02 -7.48 -1.19
C ALA A 61 -7.86 -8.66 -0.71
N ASP A 62 -8.94 -8.38 0.02
CA ASP A 62 -9.75 -9.47 0.55
C ASP A 62 -10.28 -10.37 -0.55
N SER A 63 -10.57 -9.81 -1.72
CA SER A 63 -11.12 -10.58 -2.84
C SER A 63 -10.17 -11.65 -3.37
N VAL A 64 -8.88 -11.56 -3.06
CA VAL A 64 -7.90 -12.51 -3.59
C VAL A 64 -7.11 -13.21 -2.51
N LYS A 65 -7.24 -12.79 -1.25
CA LYS A 65 -6.50 -13.46 -0.19
C LYS A 65 -6.84 -14.93 -0.18
N GLY A 66 -5.84 -15.77 0.05
CA GLY A 66 -6.02 -17.19 0.00
C GLY A 66 -6.09 -17.80 -1.39
N ARG A 67 -6.19 -17.01 -2.46
CA ARG A 67 -6.11 -17.56 -3.81
C ARG A 67 -4.90 -17.11 -4.59
N PHE A 68 -4.40 -15.92 -4.29
CA PHE A 68 -3.29 -15.35 -5.03
C PHE A 68 -2.06 -15.28 -4.12
N THR A 69 -0.89 -15.38 -4.74
CA THR A 69 0.39 -15.18 -4.05
C THR A 69 1.27 -14.22 -4.83
N ILE A 70 1.84 -13.23 -4.13
CA ILE A 70 2.83 -12.34 -4.72
C ILE A 70 4.18 -12.71 -4.17
N TYR A 71 5.18 -12.76 -5.07
CA TYR A 71 6.56 -13.00 -4.67
C TYR A 71 7.54 -12.37 -5.67
N ARG A 72 8.80 -12.30 -5.23
CA ARG A 72 9.87 -11.63 -5.97
C ARG A 72 11.01 -12.62 -6.17
N ASP A 73 11.52 -12.72 -7.42
CA ASP A 73 12.75 -13.45 -7.76
C ASP A 73 13.78 -12.40 -8.07
N ASN A 74 14.73 -12.20 -7.16
CA ASN A 74 15.70 -11.12 -7.34
C ASN A 74 16.66 -11.39 -8.49
N TYR A 75 16.98 -12.67 -8.75
CA TYR A 75 17.90 -12.98 -9.84
C TYR A 75 17.34 -12.49 -11.18
N LYS A 76 16.03 -12.69 -11.41
CA LYS A 76 15.36 -12.27 -12.62
C LYS A 76 14.85 -10.84 -12.55
N ASN A 77 15.05 -10.16 -11.42
CA ASN A 77 14.47 -8.84 -11.17
C ASN A 77 13.00 -8.76 -11.62
N THR A 78 12.23 -9.77 -11.20
CA THR A 78 10.84 -9.93 -11.58
C THR A 78 9.97 -10.12 -10.35
N VAL A 79 8.81 -9.47 -10.32
CA VAL A 79 7.80 -9.76 -9.32
C VAL A 79 6.68 -10.54 -10.02
N TYR A 80 6.10 -11.48 -9.28
CA TYR A 80 5.15 -12.40 -9.85
C TYR A 80 3.84 -12.33 -9.10
N LEU A 81 2.76 -12.68 -9.80
CA LEU A 81 1.46 -12.84 -9.18
C LEU A 81 0.95 -14.20 -9.58
N GLN A 82 0.96 -15.15 -8.64
CA GLN A 82 0.37 -16.46 -8.89
C GLN A 82 -1.12 -16.42 -8.56
N MET A 83 -1.95 -16.72 -9.55
CA MET A 83 -3.40 -16.66 -9.39
C MET A 83 -3.96 -18.08 -9.49
N ASN A 84 -4.70 -18.49 -8.45
CA ASN A 84 -5.39 -19.76 -8.42
C ASN A 84 -6.89 -19.61 -8.41
N SER A 85 -7.58 -20.69 -8.79
CA SER A 85 -9.03 -20.76 -8.76
C SER A 85 -9.65 -19.49 -9.35
N LEU A 86 -9.25 -19.20 -10.59
CA LEU A 86 -9.69 -17.98 -11.24
C LEU A 86 -11.18 -18.03 -11.53
N LYS A 87 -11.79 -16.86 -11.43
CA LYS A 87 -13.22 -16.66 -11.54
C LYS A 87 -13.50 -15.60 -12.60
N PRO A 88 -14.69 -15.61 -13.17
CA PRO A 88 -15.09 -14.48 -14.05
C PRO A 88 -14.87 -13.10 -13.43
N GLU A 89 -15.09 -12.94 -12.13
CA GLU A 89 -14.86 -11.68 -11.44
C GLU A 89 -13.39 -11.24 -11.47
N ASP A 90 -12.47 -12.14 -11.85
CA ASP A 90 -11.07 -11.76 -11.93
C ASP A 90 -10.68 -11.23 -13.30
N THR A 91 -11.59 -11.20 -14.25
CA THR A 91 -11.28 -10.70 -15.58
C THR A 91 -10.98 -9.20 -15.52
N ALA A 92 -9.84 -8.80 -16.05
CA ALA A 92 -9.40 -7.41 -15.92
C ALA A 92 -8.09 -7.24 -16.67
N VAL A 93 -7.68 -5.99 -16.84
CA VAL A 93 -6.30 -5.70 -17.20
C VAL A 93 -5.51 -5.59 -15.90
N TYR A 94 -4.41 -6.35 -15.80
CA TYR A 94 -3.61 -6.37 -14.58
C TYR A 94 -2.37 -5.53 -14.81
N TYR A 95 -2.09 -4.62 -13.86
CA TYR A 95 -0.97 -3.70 -13.93
C TYR A 95 0.00 -3.94 -12.78
N CYS A 96 1.28 -3.93 -13.12
N CYS A 96 1.28 -3.97 -13.06
CA CYS A 96 2.37 -3.89 -12.15
CA CYS A 96 2.23 -3.96 -11.96
C CYS A 96 2.67 -2.45 -11.80
C CYS A 96 2.78 -2.55 -11.80
N ASN A 97 3.12 -2.23 -10.56
CA ASN A 97 3.56 -0.92 -10.14
C ASN A 97 4.83 -1.07 -9.33
N ALA A 98 5.70 -0.06 -9.41
CA ALA A 98 6.91 -0.03 -8.60
C ALA A 98 6.98 1.34 -7.97
N ASP A 99 6.96 1.40 -6.65
CA ASP A 99 6.99 2.67 -5.92
C ASP A 99 8.40 2.87 -5.41
N ASP A 100 9.10 3.88 -5.96
CA ASP A 100 10.49 4.18 -5.63
C ASP A 100 10.50 4.86 -4.27
N LEU A 101 11.07 4.19 -3.29
CA LEU A 101 10.98 4.67 -1.92
C LEU A 101 11.96 5.79 -1.65
N MET A 102 12.99 5.95 -2.49
CA MET A 102 13.96 7.02 -2.28
C MET A 102 13.49 8.36 -2.85
N ILE A 103 12.73 8.36 -3.94
CA ILE A 103 12.30 9.60 -4.59
C ILE A 103 10.79 9.80 -4.61
N ASP A 104 10.01 8.87 -4.06
CA ASP A 104 8.55 9.07 -4.03
C ASP A 104 8.02 9.34 -5.44
N ARG A 105 8.27 8.37 -6.30
CA ARG A 105 7.79 8.38 -7.67
C ARG A 105 7.40 6.94 -7.96
N ASP A 106 6.34 6.74 -8.69
CA ASP A 106 6.01 5.36 -8.99
C ASP A 106 5.97 5.15 -10.49
N TYR A 107 6.09 3.88 -10.86
CA TYR A 107 6.21 3.46 -12.23
C TYR A 107 5.20 2.34 -12.47
N TRP A 108 4.74 2.24 -13.73
CA TRP A 108 3.69 1.31 -14.12
C TRP A 108 4.07 0.47 -15.32
N GLY A 109 3.64 -0.78 -15.29
CA GLY A 109 3.68 -1.63 -16.47
C GLY A 109 2.58 -1.27 -17.43
N GLN A 110 2.67 -1.86 -18.64
CA GLN A 110 1.74 -1.55 -19.71
C GLN A 110 0.38 -2.23 -19.53
N GLY A 111 0.31 -3.23 -18.68
CA GLY A 111 -0.95 -3.89 -18.43
C GLY A 111 -1.04 -5.14 -19.25
N THR A 112 -1.63 -6.18 -18.70
CA THR A 112 -1.85 -7.40 -19.43
C THR A 112 -3.25 -7.90 -19.14
N GLN A 113 -3.99 -8.21 -20.21
CA GLN A 113 -5.35 -8.73 -20.07
C GLN A 113 -5.34 -10.16 -19.55
N VAL A 114 -6.20 -10.41 -18.56
CA VAL A 114 -6.54 -11.73 -18.09
C VAL A 114 -8.02 -11.90 -18.34
N THR A 115 -8.41 -12.92 -19.08
CA THR A 115 -9.83 -13.17 -19.34
C THR A 115 -10.19 -14.56 -18.85
N VAL A 116 -11.13 -14.65 -17.94
CA VAL A 116 -11.50 -15.92 -17.35
C VAL A 116 -12.80 -16.33 -18.00
N SER A 117 -12.76 -17.44 -18.71
CA SER A 117 -13.91 -17.95 -19.46
C SER A 117 -14.63 -19.00 -18.65
N VAL B 2 -2.81 19.92 -2.36
CA VAL B 2 -3.42 19.40 -1.15
C VAL B 2 -2.47 19.52 0.04
N LYS B 3 -2.98 20.07 1.14
CA LYS B 3 -2.20 20.23 2.35
C LYS B 3 -2.74 19.27 3.40
N LEU B 4 -1.82 18.58 4.07
CA LEU B 4 -2.17 17.61 5.10
C LEU B 4 -1.64 18.16 6.43
N GLU B 5 -2.56 18.40 7.38
CA GLU B 5 -2.23 18.96 8.70
C GLU B 5 -2.42 17.88 9.75
N GLU B 6 -1.33 17.44 10.36
CA GLU B 6 -1.39 16.44 11.41
C GLU B 6 -1.50 17.10 12.77
N SER B 7 -2.14 16.38 13.69
CA SER B 7 -2.18 16.77 15.09
C SER B 7 -2.30 15.53 15.95
N GLY B 8 -2.03 15.69 17.24
CA GLY B 8 -2.33 14.67 18.23
C GLY B 8 -1.14 13.89 18.76
N GLY B 9 0.08 14.17 18.35
CA GLY B 9 1.23 13.46 18.87
C GLY B 9 1.61 13.93 20.25
N GLY B 10 2.77 13.47 20.70
CA GLY B 10 3.39 13.98 21.89
C GLY B 10 3.94 12.87 22.78
N LEU B 11 4.08 13.21 24.06
CA LEU B 11 4.72 12.36 25.06
C LEU B 11 3.65 11.54 25.78
N VAL B 12 3.87 10.23 25.87
CA VAL B 12 2.86 9.34 26.44
C VAL B 12 3.57 8.14 27.07
N GLN B 13 2.99 7.63 28.14
CA GLN B 13 3.59 6.52 28.84
C GLN B 13 3.17 5.20 28.19
N ALA B 14 4.12 4.26 28.15
CA ALA B 14 3.86 2.89 27.71
C ALA B 14 2.54 2.36 28.27
N GLY B 15 1.77 1.71 27.39
CA GLY B 15 0.47 1.17 27.73
C GLY B 15 -0.69 2.11 27.43
N GLY B 16 -0.40 3.40 27.32
CA GLY B 16 -1.41 4.42 27.06
C GLY B 16 -1.80 4.43 25.59
N SER B 17 -2.62 5.42 25.26
CA SER B 17 -3.22 5.55 23.94
C SER B 17 -3.07 7.00 23.48
N LEU B 18 -3.05 7.17 22.17
CA LEU B 18 -3.06 8.46 21.52
C LEU B 18 -3.86 8.34 20.25
N ARG B 19 -4.44 9.46 19.81
CA ARG B 19 -5.11 9.49 18.52
C ARG B 19 -4.43 10.56 17.68
N LEU B 20 -3.87 10.17 16.55
CA LEU B 20 -3.38 11.13 15.58
C LEU B 20 -4.49 11.48 14.60
N SER B 21 -4.48 12.72 14.16
CA SER B 21 -5.41 13.18 13.14
CA SER B 21 -5.41 13.16 13.13
C SER B 21 -4.60 13.76 11.99
N CYS B 22 -5.18 13.70 10.80
CA CYS B 22 -4.57 14.27 9.59
C CYS B 22 -5.69 14.82 8.74
N ALA B 23 -5.77 16.14 8.61
CA ALA B 23 -6.82 16.80 7.85
C ALA B 23 -6.26 17.25 6.52
N ALA B 24 -6.90 16.82 5.42
CA ALA B 24 -6.56 17.28 4.08
C ALA B 24 -7.37 18.53 3.73
N SER B 25 -6.71 19.48 3.08
CA SER B 25 -7.36 20.72 2.68
C SER B 25 -6.76 21.20 1.37
N GLY B 26 -7.48 22.11 0.71
CA GLY B 26 -7.01 22.67 -0.54
C GLY B 26 -7.75 22.09 -1.72
N SER B 27 -7.00 21.51 -2.66
CA SER B 27 -7.61 20.95 -3.85
C SER B 27 -8.15 19.55 -3.54
N SER B 30 -10.52 15.47 -5.40
CA SER B 30 -10.31 14.12 -5.91
C SER B 30 -10.57 13.07 -4.84
N ILE B 31 -10.11 11.84 -5.10
CA ILE B 31 -10.24 10.72 -4.19
C ILE B 31 -8.84 10.24 -3.82
N TYR B 32 -8.70 9.77 -2.59
CA TYR B 32 -7.38 9.44 -2.05
C TYR B 32 -7.39 8.13 -1.27
N THR B 33 -6.36 7.32 -1.47
CA THR B 33 -5.91 6.41 -0.44
C THR B 33 -5.18 7.24 0.58
N MET B 34 -5.51 7.07 1.85
CA MET B 34 -4.81 7.78 2.90
C MET B 34 -4.10 6.80 3.83
N GLY B 35 -2.98 7.22 4.42
CA GLY B 35 -2.14 6.27 5.12
C GLY B 35 -1.27 6.92 6.15
N TRP B 36 -0.71 6.09 7.02
CA TRP B 36 0.22 6.50 8.05
C TRP B 36 1.51 5.71 7.90
N PHE B 37 2.63 6.41 8.09
CA PHE B 37 3.97 5.89 8.03
C PHE B 37 4.72 6.43 9.25
N ARG B 38 5.79 5.77 9.64
CA ARG B 38 6.58 6.28 10.76
C ARG B 38 8.06 6.08 10.50
N GLN B 39 8.87 6.93 11.14
CA GLN B 39 10.31 6.88 10.92
C GLN B 39 11.00 7.11 12.25
N ALA B 40 11.76 6.10 12.69
CA ALA B 40 12.60 6.27 13.86
C ALA B 40 13.95 6.83 13.42
N PRO B 41 14.70 7.47 14.32
CA PRO B 41 15.98 8.06 13.90
C PRO B 41 16.94 7.01 13.36
N GLY B 42 17.49 7.30 12.17
CA GLY B 42 18.49 6.46 11.56
C GLY B 42 17.95 5.31 10.71
N LYS B 43 16.62 5.14 10.65
CA LYS B 43 16.01 3.97 10.04
C LYS B 43 15.17 4.37 8.84
N GLU B 44 14.82 3.36 8.04
CA GLU B 44 13.91 3.55 6.92
C GLU B 44 12.51 3.91 7.42
N ARG B 45 11.80 4.68 6.60
CA ARG B 45 10.39 4.91 6.82
C ARG B 45 9.65 3.58 6.77
N GLU B 46 8.75 3.38 7.72
CA GLU B 46 8.01 2.14 7.91
C GLU B 46 6.52 2.39 7.64
N PHE B 47 5.91 1.57 6.78
CA PHE B 47 4.44 1.57 6.66
C PHE B 47 3.80 1.21 7.97
N VAL B 48 2.73 1.95 8.33
CA VAL B 48 1.93 1.65 9.51
C VAL B 48 0.53 1.14 9.15
N ALA B 49 -0.22 1.93 8.40
CA ALA B 49 -1.57 1.51 8.01
C ALA B 49 -2.05 2.36 6.85
N ASP B 50 -3.00 1.83 6.07
CA ASP B 50 -3.68 2.70 5.11
C ASP B 50 -5.13 2.29 4.94
N ILE B 51 -5.87 3.12 4.22
CA ILE B 51 -7.31 2.93 4.06
C ILE B 51 -7.70 3.38 2.66
N SER B 52 -8.56 2.59 2.02
CA SER B 52 -8.93 2.83 0.64
C SER B 52 -9.85 4.05 0.53
N TRP B 53 -10.05 4.48 -0.72
CA TRP B 53 -10.74 5.74 -1.00
C TRP B 53 -12.12 5.82 -0.34
N ASN B 54 -12.80 4.69 -0.18
CA ASN B 54 -14.14 4.70 0.40
C ASN B 54 -14.20 4.04 1.77
N GLY B 55 -13.05 3.81 2.40
CA GLY B 55 -13.03 3.19 3.71
C GLY B 55 -13.25 1.70 3.73
N GLY B 56 -13.44 1.06 2.57
CA GLY B 56 -13.84 -0.33 2.57
C GLY B 56 -12.72 -1.31 2.88
N SER B 57 -11.49 -0.89 2.68
CA SER B 57 -10.35 -1.75 2.94
C SER B 57 -9.35 -1.03 3.80
N THR B 58 -8.81 -1.75 4.80
CA THR B 58 -7.73 -1.25 5.61
C THR B 58 -6.61 -2.29 5.65
N TYR B 59 -5.38 -1.79 5.79
CA TYR B 59 -4.17 -2.61 5.82
C TYR B 59 -3.27 -2.14 6.95
N TYR B 60 -2.65 -3.10 7.65
CA TYR B 60 -1.86 -2.77 8.84
C TYR B 60 -0.55 -3.54 8.83
N ALA B 61 0.54 -2.86 9.20
CA ALA B 61 1.80 -3.53 9.46
C ALA B 61 1.69 -4.52 10.62
N ASP B 62 2.38 -5.66 10.48
CA ASP B 62 2.32 -6.67 11.53
C ASP B 62 2.69 -6.07 12.88
N SER B 63 3.62 -5.13 12.89
CA SER B 63 4.08 -4.54 14.15
C SER B 63 2.98 -3.80 14.92
N VAL B 64 1.90 -3.39 14.27
CA VAL B 64 0.86 -2.62 14.96
C VAL B 64 -0.49 -3.34 14.95
N LYS B 65 -0.57 -4.51 14.34
CA LYS B 65 -1.84 -5.20 14.24
C LYS B 65 -2.43 -5.42 15.61
N GLY B 66 -3.73 -5.16 15.72
CA GLY B 66 -4.46 -5.34 16.95
C GLY B 66 -4.31 -4.22 17.94
N ARG B 67 -3.36 -3.31 17.72
CA ARG B 67 -3.17 -2.19 18.61
C ARG B 67 -3.61 -0.87 18.01
N PHE B 68 -3.43 -0.70 16.71
CA PHE B 68 -3.68 0.56 16.03
C PHE B 68 -4.87 0.35 15.11
N THR B 69 -5.65 1.40 14.93
CA THR B 69 -6.80 1.38 14.03
C THR B 69 -6.78 2.63 13.19
N ILE B 70 -6.98 2.48 11.89
CA ILE B 70 -7.07 3.62 10.98
C ILE B 70 -8.55 3.84 10.63
N TYR B 71 -8.96 5.11 10.60
CA TYR B 71 -10.34 5.57 10.40
C TYR B 71 -10.31 6.79 9.49
N ARG B 72 -11.34 6.96 8.67
CA ARG B 72 -11.47 8.22 7.94
C ARG B 72 -12.88 8.78 8.10
N ASP B 73 -12.98 10.11 8.10
CA ASP B 73 -14.24 10.81 8.17
C ASP B 73 -15.06 10.59 6.91
N ASN B 74 -16.38 10.72 7.06
CA ASN B 74 -17.28 10.46 5.93
C ASN B 74 -17.33 11.63 4.97
N TYR B 75 -17.09 12.83 5.47
CA TYR B 75 -17.37 14.05 4.75
C TYR B 75 -16.15 14.97 4.75
N THR B 78 -10.28 13.73 6.19
CA THR B 78 -9.58 13.58 7.47
C THR B 78 -9.46 12.13 7.86
N VAL B 79 -8.23 11.72 8.17
CA VAL B 79 -7.91 10.36 8.56
C VAL B 79 -7.34 10.40 9.96
N TYR B 80 -7.57 9.33 10.71
CA TYR B 80 -7.17 9.21 12.11
C TYR B 80 -6.36 7.94 12.31
N LEU B 81 -5.51 7.96 13.32
CA LEU B 81 -4.83 6.75 13.77
C LEU B 81 -5.00 6.64 15.27
N GLN B 82 -5.85 5.72 15.69
CA GLN B 82 -6.02 5.41 17.10
C GLN B 82 -4.92 4.43 17.50
N MET B 83 -4.05 4.85 18.42
CA MET B 83 -2.87 4.07 18.82
C MET B 83 -3.07 3.63 20.27
N ASN B 84 -3.37 2.34 20.45
CA ASN B 84 -3.54 1.77 21.78
C ASN B 84 -2.36 0.88 22.17
N SER B 85 -2.29 0.61 23.47
CA SER B 85 -1.28 -0.25 24.05
C SER B 85 0.10 0.12 23.51
N LEU B 86 0.43 1.39 23.66
CA LEU B 86 1.66 1.93 23.09
C LEU B 86 2.89 1.34 23.77
N LYS B 87 3.94 1.18 22.99
CA LYS B 87 5.21 0.62 23.45
C LYS B 87 6.33 1.60 23.14
N PRO B 88 7.44 1.52 23.88
CA PRO B 88 8.59 2.38 23.54
C PRO B 88 9.04 2.27 22.10
N GLU B 89 8.99 1.06 21.50
CA GLU B 89 9.37 0.82 20.12
C GLU B 89 8.49 1.57 19.13
N ASP B 90 7.37 2.12 19.59
CA ASP B 90 6.49 2.90 18.72
C ASP B 90 6.96 4.33 18.60
N THR B 91 8.00 4.72 19.34
CA THR B 91 8.52 6.08 19.29
C THR B 91 9.03 6.37 17.90
N ALA B 92 8.56 7.46 17.30
CA ALA B 92 8.89 7.75 15.91
C ALA B 92 8.24 9.08 15.52
N VAL B 93 8.69 9.63 14.42
CA VAL B 93 7.90 10.67 13.75
C VAL B 93 6.89 9.97 12.87
N TYR B 94 5.62 10.33 13.04
CA TYR B 94 4.51 9.71 12.28
C TYR B 94 4.03 10.66 11.20
N TYR B 95 3.89 10.13 10.00
CA TYR B 95 3.55 10.90 8.82
C TYR B 95 2.25 10.36 8.22
N CYS B 96 1.35 11.26 7.86
N CYS B 96 1.38 11.27 7.82
CA CYS B 96 0.23 10.82 7.04
CA CYS B 96 0.20 10.94 7.04
C CYS B 96 0.52 11.13 5.58
C CYS B 96 0.49 11.19 5.57
N ASN B 97 -0.13 10.38 4.71
CA ASN B 97 0.00 10.62 3.28
C ASN B 97 -1.35 10.42 2.63
N ALA B 98 -1.46 11.00 1.45
CA ALA B 98 -2.66 10.93 0.65
C ALA B 98 -2.21 10.68 -0.77
N ASP B 99 -2.69 9.59 -1.37
CA ASP B 99 -2.32 9.22 -2.72
C ASP B 99 -3.54 9.56 -3.57
N ASP B 100 -3.38 10.57 -4.43
CA ASP B 100 -4.46 10.96 -5.32
C ASP B 100 -4.58 9.93 -6.43
N LEU B 101 -5.70 9.23 -6.46
CA LEU B 101 -5.85 8.08 -7.33
C LEU B 101 -6.22 8.45 -8.74
N MET B 102 -6.66 9.68 -8.96
CA MET B 102 -7.00 10.08 -10.32
C MET B 102 -5.75 10.51 -11.07
N ILE B 103 -4.76 11.10 -10.41
CA ILE B 103 -3.58 11.63 -11.09
C ILE B 103 -2.29 10.97 -10.65
N ASP B 104 -2.34 10.01 -9.73
CA ASP B 104 -1.15 9.25 -9.34
C ASP B 104 -0.07 10.18 -8.77
N ARG B 105 -0.45 10.98 -7.80
CA ARG B 105 0.47 11.85 -7.09
C ARG B 105 0.20 11.66 -5.61
N ASP B 106 1.25 11.72 -4.79
CA ASP B 106 0.99 11.64 -3.36
C ASP B 106 1.49 12.87 -2.65
N TYR B 107 0.87 13.09 -1.50
CA TYR B 107 1.06 14.25 -0.64
C TYR B 107 1.37 13.78 0.76
N TRP B 108 2.18 14.56 1.49
CA TRP B 108 2.61 14.17 2.83
C TRP B 108 2.33 15.27 3.84
N GLY B 109 1.95 14.87 5.05
CA GLY B 109 1.94 15.81 6.15
C GLY B 109 3.33 16.07 6.68
N GLN B 110 3.46 17.08 7.53
CA GLN B 110 4.79 17.42 8.02
C GLN B 110 5.30 16.46 9.08
N GLY B 111 4.43 15.69 9.70
CA GLY B 111 4.92 14.65 10.59
C GLY B 111 4.92 15.11 12.02
N THR B 112 4.56 14.22 12.94
CA THR B 112 4.43 14.56 14.36
C THR B 112 5.16 13.53 15.20
N GLN B 113 5.92 14.01 16.18
CA GLN B 113 6.66 13.13 17.07
C GLN B 113 5.73 12.46 18.04
N VAL B 114 5.88 11.14 18.18
CA VAL B 114 5.26 10.38 19.24
C VAL B 114 6.38 9.75 20.04
N THR B 115 6.42 10.04 21.34
CA THR B 115 7.46 9.54 22.21
C THR B 115 6.81 8.74 23.32
N VAL B 116 7.10 7.44 23.38
CA VAL B 116 6.49 6.54 24.35
C VAL B 116 7.55 6.20 25.37
N SER B 117 7.34 6.66 26.61
CA SER B 117 8.28 6.40 27.68
C SER B 117 7.90 5.12 28.41
N SER B 118 8.92 4.40 28.87
CA SER B 118 8.74 3.11 29.54
C SER B 118 7.87 3.21 30.82
N1 EPE C . -1.94 -0.51 0.32
C2 EPE C . -1.65 -1.81 0.92
C3 EPE C . -0.36 -1.84 1.72
N4 EPE C . 0.82 -1.22 1.08
C5 EPE C . 0.56 -0.02 0.31
C6 EPE C . -0.79 0.08 -0.38
C7 EPE C . 2.03 -1.20 1.97
C8 EPE C . 3.41 -1.16 1.29
O8 EPE C . 4.60 -1.25 2.15
C9 EPE C . -3.14 -0.62 -0.54
C10 EPE C . -3.98 0.65 -0.44
S EPE C . -5.44 0.64 -1.51
O1S EPE C . -5.06 0.40 -2.95
O2S EPE C . -6.36 -0.52 -1.16
O3S EPE C . -6.18 1.95 -1.36
H21 EPE C . -1.57 -2.45 0.21
H22 EPE C . -2.38 -2.06 1.49
H31 EPE C . -0.14 -2.78 1.86
H32 EPE C . -0.51 -1.44 2.59
H51 EPE C . 1.24 0.01 -0.38
H52 EPE C . 0.69 0.76 0.88
H61 EPE C . -0.71 -0.37 -1.24
H62 EPE C . -0.99 1.02 -0.56
H71 EPE C . 2.00 -1.98 2.55
H72 EPE C . 1.96 -0.41 2.54
H81 EPE C . 3.47 -0.33 0.79
H82 EPE C . 3.45 -1.89 0.66
HO8 EPE C . 5.19 -1.73 1.78
H91 EPE C . -2.86 -0.72 -1.47
H92 EPE C . -3.68 -1.37 -0.27
H101 EPE C . -4.26 0.77 0.48
H102 EPE C . -3.42 1.41 -0.69
#